data_7TQP
#
_entry.id   7TQP
#
_cell.length_a   57.582
_cell.length_b   57.582
_cell.length_c   125.757
_cell.angle_alpha   90.000
_cell.angle_beta   90.000
_cell.angle_gamma   90.000
#
_symmetry.space_group_name_H-M   'P 41 21 2'
#
loop_
_entity.id
_entity.type
_entity.pdbx_description
1 polymer 'Three-prime repair exonuclease 1'
2 non-polymer 'SULFATE ION'
3 water water
#
_entity_poly.entity_id   1
_entity_poly.type   'polypeptide(L)'
_entity_poly.pdbx_seq_one_letter_code
;SMGSQTLPHGHMQTLIFLDLEATGLPSSRPEVTELCLLAVHRRALENTSISQGHPPPVPRPPRVVDKLSLCVAPGKACSP
AASEITGLSTAVLAAHGRQCFDDNLANLLLAFLRRQPQPWCLVAHNGDRYDFPLLQAELAMLGLTSALDGAFCVDSITAL
KALERASSPSEHGPRKSYSLGSIYTRLYGQSPPDSHTAEGDVLALLSICQWRPQALLRWVDAHARPFGTIRPMYGVTASA
RTK
;
_entity_poly.pdbx_strand_id   A
#
loop_
_chem_comp.id
_chem_comp.type
_chem_comp.name
_chem_comp.formula
SO4 non-polymer 'SULFATE ION' 'O4 S -2'
#
# COMPACT_ATOMS: atom_id res chain seq x y z
N LEU A 7 18.86 -4.87 14.11
CA LEU A 7 17.97 -4.84 12.95
C LEU A 7 17.94 -6.20 12.25
N PRO A 8 16.75 -6.77 12.08
CA PRO A 8 16.67 -8.13 11.53
C PRO A 8 17.19 -8.24 10.11
N HIS A 9 16.93 -7.24 9.26
CA HIS A 9 17.32 -7.30 7.86
C HIS A 9 18.04 -6.03 7.43
N GLY A 10 18.69 -5.35 8.37
CA GLY A 10 19.39 -4.13 8.07
C GLY A 10 18.45 -2.95 7.87
N HIS A 11 19.03 -1.84 7.42
CA HIS A 11 18.27 -0.64 7.15
C HIS A 11 17.55 -0.75 5.81
N MET A 12 16.25 -0.47 5.83
CA MET A 12 15.49 -0.42 4.59
C MET A 12 15.90 0.81 3.78
N GLN A 13 16.17 0.61 2.49
CA GLN A 13 16.61 1.70 1.63
C GLN A 13 15.45 2.43 0.96
N THR A 14 14.42 1.70 0.53
CA THR A 14 13.30 2.28 -0.19
C THR A 14 12.00 1.88 0.48
N LEU A 15 11.17 2.87 0.80
CA LEU A 15 9.82 2.63 1.28
C LEU A 15 8.87 2.77 0.10
N ILE A 16 8.15 1.70 -0.22
CA ILE A 16 7.18 1.70 -1.30
C ILE A 16 5.79 1.73 -0.66
N PHE A 17 5.21 2.92 -0.58
CA PHE A 17 3.87 3.04 -0.03
C PHE A 17 2.87 2.44 -1.01
N LEU A 18 1.95 1.62 -0.50
CA LEU A 18 1.10 0.79 -1.33
C LEU A 18 -0.34 0.90 -0.86
N ASP A 19 -1.27 0.89 -1.81
CA ASP A 19 -2.69 0.77 -1.50
C ASP A 19 -3.36 -0.04 -2.59
N LEU A 20 -4.20 -0.99 -2.18
CA LEU A 20 -5.01 -1.78 -3.10
C LEU A 20 -6.48 -1.47 -2.88
N GLU A 21 -7.21 -1.23 -3.96
CA GLU A 21 -8.66 -1.19 -3.94
C GLU A 21 -9.18 -2.43 -4.63
N ALA A 22 -10.32 -2.94 -4.15
CA ALA A 22 -10.79 -4.25 -4.58
C ALA A 22 -12.31 -4.25 -4.69
N THR A 23 -12.84 -5.42 -5.05
CA THR A 23 -14.27 -5.59 -5.27
C THR A 23 -15.06 -5.73 -3.97
N GLY A 24 -14.39 -6.01 -2.86
CA GLY A 24 -15.11 -6.19 -1.61
C GLY A 24 -14.17 -6.50 -0.47
N LEU A 25 -14.72 -7.08 0.59
CA LEU A 25 -14.03 -7.40 1.82
C LEU A 25 -13.39 -8.78 1.74
N PRO A 26 -12.44 -9.09 2.64
CA PRO A 26 -11.70 -10.37 2.54
C PRO A 26 -12.57 -11.61 2.39
N SER A 27 -13.66 -11.74 3.15
CA SER A 27 -14.45 -12.96 3.10
C SER A 27 -15.16 -13.17 1.77
N SER A 28 -15.21 -12.16 0.92
CA SER A 28 -15.88 -12.26 -0.38
C SER A 28 -14.93 -12.68 -1.50
N ARG A 29 -13.72 -13.10 -1.17
CA ARG A 29 -12.69 -13.44 -2.15
C ARG A 29 -12.48 -12.27 -3.12
N PRO A 30 -12.03 -11.12 -2.62
CA PRO A 30 -12.02 -9.92 -3.46
C PRO A 30 -10.88 -9.94 -4.47
N GLU A 31 -11.05 -9.13 -5.51
CA GLU A 31 -10.06 -9.00 -6.58
C GLU A 31 -9.69 -7.53 -6.75
N VAL A 32 -8.42 -7.29 -7.06
CA VAL A 32 -7.91 -5.92 -7.13
C VAL A 32 -8.59 -5.17 -8.28
N THR A 33 -9.03 -3.94 -7.99
CA THR A 33 -9.55 -3.04 -9.00
C THR A 33 -8.61 -1.88 -9.29
N GLU A 34 -7.79 -1.48 -8.33
CA GLU A 34 -6.84 -0.39 -8.50
C GLU A 34 -5.68 -0.59 -7.55
N LEU A 35 -4.50 -0.15 -7.97
CA LEU A 35 -3.31 -0.23 -7.14
C LEU A 35 -2.45 1.01 -7.36
N CYS A 36 -1.73 1.41 -6.31
CA CYS A 36 -0.77 2.49 -6.42
C CYS A 36 0.47 2.14 -5.62
N LEU A 37 1.63 2.31 -6.24
CA LEU A 37 2.92 2.16 -5.59
C LEU A 37 3.66 3.48 -5.70
N LEU A 38 4.16 3.98 -4.57
CA LEU A 38 4.93 5.22 -4.53
C LEU A 38 6.22 4.95 -3.78
N ALA A 39 7.32 4.87 -4.54
CA ALA A 39 8.61 4.50 -3.98
C ALA A 39 9.35 5.76 -3.53
N VAL A 40 9.73 5.79 -2.26
CA VAL A 40 10.45 6.92 -1.67
C VAL A 40 11.72 6.38 -1.04
N HIS A 41 12.86 6.88 -1.50
CA HIS A 41 14.13 6.46 -0.92
C HIS A 41 14.26 7.00 0.50
N ARG A 42 15.02 6.27 1.31
CA ARG A 42 15.23 6.67 2.71
C ARG A 42 15.78 8.08 2.82
N ARG A 43 16.56 8.52 1.83
CA ARG A 43 17.15 9.86 1.87
C ARG A 43 16.08 10.94 1.99
N ALA A 44 14.92 10.72 1.37
CA ALA A 44 13.86 11.72 1.40
C ALA A 44 13.20 11.83 2.77
N LEU A 45 13.34 10.81 3.63
CA LEU A 45 12.77 10.82 4.96
C LEU A 45 13.82 11.11 6.04
N GLU A 46 14.97 11.64 5.65
CA GLU A 46 16.04 12.00 6.57
C GLU A 46 16.22 13.51 6.51
N ASN A 47 15.56 14.21 7.42
CA ASN A 47 15.62 15.67 7.46
C ASN A 47 16.94 16.16 8.05
N PRO A 55 -2.51 21.60 13.79
CA PRO A 55 -1.98 22.91 13.34
C PRO A 55 -0.85 22.88 12.29
N PRO A 56 0.16 22.00 12.41
CA PRO A 56 1.28 22.08 11.49
C PRO A 56 0.83 21.84 10.06
N PRO A 57 1.56 22.38 9.09
CA PRO A 57 1.16 22.19 7.68
C PRO A 57 1.45 20.78 7.21
N VAL A 58 0.68 20.35 6.21
CA VAL A 58 0.93 19.03 5.61
C VAL A 58 2.30 19.04 4.96
N PRO A 59 3.17 18.08 5.25
CA PRO A 59 4.49 18.06 4.62
C PRO A 59 4.39 17.89 3.11
N ARG A 60 5.28 18.56 2.40
CA ARG A 60 5.31 18.42 0.95
C ARG A 60 5.96 17.09 0.56
N PRO A 61 5.45 16.42 -0.48
CA PRO A 61 6.08 15.18 -0.90
C PRO A 61 7.47 15.44 -1.45
N PRO A 62 8.38 14.47 -1.37
CA PRO A 62 9.73 14.67 -1.88
C PRO A 62 9.72 14.92 -3.38
N ARG A 63 10.72 15.67 -3.84
CA ARG A 63 10.85 15.92 -5.27
C ARG A 63 11.12 14.63 -6.04
N VAL A 64 12.00 13.79 -5.51
CA VAL A 64 12.44 12.58 -6.19
C VAL A 64 11.60 11.42 -5.65
N VAL A 65 10.58 11.02 -6.42
CA VAL A 65 9.74 9.88 -6.09
C VAL A 65 9.41 9.11 -7.36
N ASP A 66 9.25 7.80 -7.22
CA ASP A 66 8.72 6.95 -8.27
C ASP A 66 7.26 6.60 -7.95
N LYS A 67 6.40 6.67 -8.97
CA LYS A 67 4.97 6.47 -8.77
C LYS A 67 4.40 5.58 -9.85
N LEU A 68 3.53 4.65 -9.44
CA LEU A 68 2.83 3.76 -10.37
C LEU A 68 1.40 3.60 -9.88
N SER A 69 0.43 3.98 -10.72
CA SER A 69 -0.97 3.84 -10.40
C SER A 69 -1.68 3.15 -11.56
N LEU A 70 -2.38 2.06 -11.28
CA LEU A 70 -2.97 1.22 -12.31
C LEU A 70 -4.36 0.77 -11.89
N CYS A 71 -5.28 0.76 -12.85
CA CYS A 71 -6.61 0.17 -12.65
C CYS A 71 -6.63 -1.22 -13.27
N VAL A 72 -7.34 -2.14 -12.61
CA VAL A 72 -7.34 -3.55 -12.97
C VAL A 72 -8.77 -4.03 -13.15
N ALA A 73 -9.02 -4.78 -14.23
CA ALA A 73 -10.33 -5.36 -14.47
C ALA A 73 -10.49 -6.64 -13.65
N PRO A 74 -11.37 -6.65 -12.66
CA PRO A 74 -11.56 -7.87 -11.87
C PRO A 74 -12.41 -8.89 -12.61
N GLY A 75 -12.23 -10.15 -12.24
CA GLY A 75 -13.02 -11.22 -12.82
C GLY A 75 -14.42 -11.36 -12.25
N LYS A 76 -14.88 -10.38 -11.49
CA LYS A 76 -16.19 -10.46 -10.85
C LYS A 76 -16.74 -9.05 -10.70
N ALA A 77 -17.97 -8.95 -10.20
CA ALA A 77 -18.61 -7.67 -10.02
C ALA A 77 -18.14 -7.02 -8.72
N CYS A 78 -18.08 -5.69 -8.73
CA CYS A 78 -17.82 -4.94 -7.51
C CYS A 78 -19.09 -4.88 -6.67
N SER A 79 -18.93 -5.02 -5.36
CA SER A 79 -20.05 -4.86 -4.47
C SER A 79 -20.55 -3.41 -4.52
N PRO A 80 -21.83 -3.18 -4.21
CA PRO A 80 -22.33 -1.79 -4.20
C PRO A 80 -21.52 -0.88 -3.28
N ALA A 81 -21.13 -1.38 -2.10
CA ALA A 81 -20.33 -0.57 -1.19
C ALA A 81 -18.96 -0.25 -1.79
N ALA A 82 -18.37 -1.22 -2.51
CA ALA A 82 -17.06 -0.98 -3.12
C ALA A 82 -17.15 0.09 -4.19
N SER A 83 -18.16 0.02 -5.06
CA SER A 83 -18.34 1.03 -6.10
C SER A 83 -18.65 2.38 -5.47
N GLU A 84 -19.45 2.39 -4.40
CA GLU A 84 -19.77 3.63 -3.71
C GLU A 84 -18.52 4.29 -3.14
N ILE A 85 -17.60 3.47 -2.63
CA ILE A 85 -16.42 4.00 -1.93
C ILE A 85 -15.34 4.41 -2.91
N THR A 86 -15.04 3.55 -3.88
CA THR A 86 -13.90 3.75 -4.76
C THR A 86 -14.26 4.48 -6.06
N GLY A 87 -15.55 4.60 -6.38
CA GLY A 87 -15.94 5.15 -7.66
C GLY A 87 -15.63 4.26 -8.85
N LEU A 88 -15.33 2.98 -8.62
CA LEU A 88 -15.01 2.04 -9.68
C LEU A 88 -16.06 0.95 -9.75
N SER A 89 -16.26 0.42 -10.94
CA SER A 89 -17.11 -0.74 -11.14
C SER A 89 -16.54 -1.56 -12.28
N THR A 90 -16.92 -2.83 -12.33
CA THR A 90 -16.43 -3.71 -13.39
C THR A 90 -16.87 -3.21 -14.76
N ALA A 91 -18.05 -2.60 -14.84
CA ALA A 91 -18.50 -2.05 -16.12
C ALA A 91 -17.69 -0.81 -16.51
N VAL A 92 -17.42 0.08 -15.56
CA VAL A 92 -16.61 1.26 -15.84
C VAL A 92 -15.20 0.84 -16.26
N LEU A 93 -14.62 -0.12 -15.54
CA LEU A 93 -13.28 -0.60 -15.88
C LEU A 93 -13.26 -1.25 -17.26
N ALA A 94 -14.32 -2.00 -17.60
CA ALA A 94 -14.39 -2.60 -18.92
C ALA A 94 -14.61 -1.56 -20.01
N ALA A 95 -15.33 -0.48 -19.70
CA ALA A 95 -15.54 0.58 -20.69
C ALA A 95 -14.23 1.26 -21.06
N HIS A 96 -13.26 1.26 -20.15
CA HIS A 96 -11.94 1.83 -20.40
C HIS A 96 -10.93 0.77 -20.83
N GLY A 97 -11.38 -0.44 -21.12
CA GLY A 97 -10.50 -1.47 -21.65
C GLY A 97 -9.43 -1.94 -20.69
N ARG A 98 -9.70 -1.88 -19.39
CA ARG A 98 -8.72 -2.35 -18.42
C ARG A 98 -8.54 -3.86 -18.54
N GLN A 99 -7.31 -4.31 -18.31
CA GLN A 99 -6.97 -5.72 -18.37
C GLN A 99 -6.97 -6.33 -16.97
N CYS A 100 -7.09 -7.65 -16.93
CA CYS A 100 -7.11 -8.36 -15.66
C CYS A 100 -5.71 -8.43 -15.06
N PHE A 101 -5.65 -8.91 -13.82
CA PHE A 101 -4.38 -9.18 -13.17
C PHE A 101 -3.72 -10.36 -13.86
N ASP A 102 -2.60 -10.11 -14.55
CA ASP A 102 -1.97 -11.12 -15.40
C ASP A 102 -0.47 -11.12 -15.18
N ASP A 103 0.22 -11.96 -15.95
CA ASP A 103 1.68 -12.04 -15.86
C ASP A 103 2.32 -10.70 -16.19
N ASN A 104 1.80 -9.99 -17.18
CA ASN A 104 2.37 -8.70 -17.56
C ASN A 104 2.31 -7.70 -16.41
N LEU A 105 1.20 -7.69 -15.67
CA LEU A 105 1.10 -6.81 -14.51
C LEU A 105 2.13 -7.18 -13.45
N ALA A 106 2.30 -8.48 -13.19
CA ALA A 106 3.29 -8.92 -12.21
C ALA A 106 4.70 -8.54 -12.64
N ASN A 107 5.02 -8.74 -13.92
CA ASN A 107 6.32 -8.30 -14.43
C ASN A 107 6.48 -6.78 -14.29
N LEU A 108 5.39 -6.04 -14.49
CA LEU A 108 5.45 -4.58 -14.36
C LEU A 108 5.77 -4.19 -12.92
N LEU A 109 5.09 -4.81 -11.96
CA LEU A 109 5.33 -4.49 -10.54
C LEU A 109 6.76 -4.81 -10.15
N LEU A 110 7.28 -5.96 -10.58
CA LEU A 110 8.64 -6.33 -10.23
C LEU A 110 9.66 -5.41 -10.90
N ALA A 111 9.41 -5.03 -12.15
CA ALA A 111 10.31 -4.08 -12.82
C ALA A 111 10.30 -2.73 -12.13
N PHE A 112 9.13 -2.31 -11.61
CA PHE A 112 9.04 -1.08 -10.85
C PHE A 112 9.88 -1.15 -9.59
N LEU A 113 9.77 -2.26 -8.84
CA LEU A 113 10.56 -2.42 -7.64
C LEU A 113 12.04 -2.50 -7.94
N ARG A 114 12.42 -3.08 -9.08
CA ARG A 114 13.83 -3.19 -9.45
C ARG A 114 14.46 -1.85 -9.78
N ARG A 115 13.65 -0.80 -9.98
CA ARG A 115 14.19 0.55 -10.10
C ARG A 115 14.66 1.11 -8.77
N GLN A 116 14.29 0.47 -7.65
CA GLN A 116 14.53 1.00 -6.32
C GLN A 116 15.69 0.28 -5.63
N PRO A 117 16.51 1.01 -4.87
CA PRO A 117 17.57 0.35 -4.11
C PRO A 117 17.01 -0.55 -3.03
N GLN A 118 17.65 -1.71 -2.84
CA GLN A 118 17.24 -2.70 -1.85
C GLN A 118 17.98 -2.45 -0.53
N PRO A 119 17.38 -2.85 0.60
CA PRO A 119 16.12 -3.57 0.77
C PRO A 119 14.85 -2.74 0.50
N TRP A 120 13.87 -3.36 -0.15
CA TRP A 120 12.56 -2.77 -0.35
C TRP A 120 11.67 -3.06 0.86
N CYS A 121 10.86 -2.07 1.25
CA CYS A 121 9.88 -2.27 2.31
C CYS A 121 8.54 -1.68 1.87
N LEU A 122 7.59 -2.55 1.54
CA LEU A 122 6.23 -2.11 1.27
C LEU A 122 5.61 -1.56 2.55
N VAL A 123 4.87 -0.46 2.41
CA VAL A 123 4.18 0.17 3.53
C VAL A 123 2.73 0.37 3.12
N ALA A 124 1.81 -0.18 3.91
CA ALA A 124 0.39 -0.11 3.58
C ALA A 124 -0.42 -0.01 4.86
N HIS A 125 -1.44 0.84 4.84
CA HIS A 125 -2.33 0.99 5.99
C HIS A 125 -3.26 -0.20 6.06
N ASN A 126 -3.28 -0.89 7.21
CA ASN A 126 -3.97 -2.16 7.37
C ASN A 126 -3.47 -3.20 6.37
N GLY A 127 -2.17 -3.10 6.02
CA GLY A 127 -1.63 -3.99 5.01
C GLY A 127 -1.56 -5.43 5.45
N ASP A 128 -1.35 -5.67 6.75
CA ASP A 128 -1.25 -7.05 7.23
C ASP A 128 -2.56 -7.79 7.09
N ARG A 129 -3.69 -7.09 7.17
CA ARG A 129 -4.99 -7.73 7.08
C ARG A 129 -5.61 -7.66 5.69
N TYR A 130 -5.15 -6.74 4.83
CA TYR A 130 -5.83 -6.53 3.56
C TYR A 130 -4.87 -6.47 2.38
N ASP A 131 -4.09 -5.40 2.27
CA ASP A 131 -3.32 -5.14 1.07
C ASP A 131 -2.30 -6.24 0.80
N PHE A 132 -1.53 -6.63 1.83
CA PHE A 132 -0.51 -7.65 1.62
C PHE A 132 -1.12 -9.01 1.31
N PRO A 133 -2.08 -9.54 2.07
CA PRO A 133 -2.67 -10.84 1.69
C PRO A 133 -3.36 -10.82 0.35
N LEU A 134 -3.99 -9.70 -0.02
CA LEU A 134 -4.67 -9.63 -1.31
C LEU A 134 -3.67 -9.66 -2.46
N LEU A 135 -2.58 -8.89 -2.35
CA LEU A 135 -1.56 -8.92 -3.38
C LEU A 135 -0.95 -10.31 -3.51
N GLN A 136 -0.68 -10.98 -2.38
CA GLN A 136 -0.19 -12.35 -2.44
C GLN A 136 -1.21 -13.28 -3.08
N ALA A 137 -2.50 -13.03 -2.85
CA ALA A 137 -3.53 -13.89 -3.43
C ALA A 137 -3.59 -13.74 -4.94
N GLU A 138 -3.50 -12.51 -5.45
CA GLU A 138 -3.49 -12.31 -6.90
C GLU A 138 -2.27 -12.95 -7.54
N LEU A 139 -1.11 -12.83 -6.89
CA LEU A 139 0.09 -13.48 -7.41
C LEU A 139 -0.03 -15.00 -7.33
N ALA A 140 -0.67 -15.51 -6.28
CA ALA A 140 -0.81 -16.96 -6.12
C ALA A 140 -1.71 -17.55 -7.19
N MET A 141 -2.76 -16.82 -7.59
CA MET A 141 -3.65 -17.31 -8.64
C MET A 141 -2.91 -17.47 -9.96
N LEU A 142 -1.88 -16.65 -10.19
CA LEU A 142 -1.07 -16.74 -11.40
C LEU A 142 0.07 -17.75 -11.28
N GLY A 143 0.22 -18.39 -10.13
CA GLY A 143 1.34 -19.27 -9.88
C GLY A 143 2.65 -18.57 -9.62
N LEU A 144 2.64 -17.25 -9.47
CA LEU A 144 3.85 -16.48 -9.19
C LEU A 144 3.99 -16.28 -7.68
N THR A 145 4.08 -17.40 -6.97
CA THR A 145 3.97 -17.39 -5.52
C THR A 145 5.13 -16.67 -4.85
N SER A 146 6.30 -16.62 -5.48
CA SER A 146 7.48 -16.00 -4.89
C SER A 146 7.96 -14.80 -5.70
N ALA A 147 7.05 -14.17 -6.45
CA ALA A 147 7.45 -13.11 -7.36
C ALA A 147 8.02 -11.91 -6.61
N LEU A 148 7.40 -11.54 -5.50
CA LEU A 148 7.83 -10.39 -4.70
C LEU A 148 8.47 -10.81 -3.38
N ASP A 149 9.06 -12.01 -3.33
CA ASP A 149 9.68 -12.49 -2.10
C ASP A 149 10.89 -11.68 -1.69
N GLY A 150 11.52 -10.96 -2.61
CA GLY A 150 12.67 -10.15 -2.25
C GLY A 150 12.33 -8.92 -1.43
N ALA A 151 11.07 -8.56 -1.34
CA ALA A 151 10.65 -7.34 -0.64
C ALA A 151 10.30 -7.65 0.81
N PHE A 152 10.31 -6.59 1.62
CA PHE A 152 9.82 -6.59 2.99
C PHE A 152 8.56 -5.74 3.07
N CYS A 153 7.90 -5.78 4.22
CA CYS A 153 6.64 -5.04 4.35
C CYS A 153 6.38 -4.73 5.82
N VAL A 154 5.68 -3.60 6.04
CA VAL A 154 5.20 -3.22 7.36
C VAL A 154 3.79 -2.68 7.22
N ASP A 155 3.01 -2.80 8.30
CA ASP A 155 1.68 -2.23 8.38
C ASP A 155 1.77 -0.88 9.07
N SER A 156 1.36 0.18 8.37
CA SER A 156 1.51 1.52 8.93
C SER A 156 0.49 1.79 10.04
N ILE A 157 -0.55 0.97 10.17
CA ILE A 157 -1.41 1.06 11.35
C ILE A 157 -0.62 0.72 12.60
N THR A 158 0.12 -0.40 12.56
CA THR A 158 0.96 -0.78 13.69
C THR A 158 2.06 0.25 13.92
N ALA A 159 2.61 0.80 12.83
CA ALA A 159 3.69 1.78 12.96
C ALA A 159 3.20 3.06 13.61
N LEU A 160 2.05 3.57 13.15
CA LEU A 160 1.57 4.86 13.66
C LEU A 160 1.02 4.74 15.07
N LYS A 161 0.47 3.58 15.43
CA LYS A 161 0.11 3.33 16.82
C LYS A 161 1.32 3.47 17.73
N ALA A 162 2.43 2.85 17.35
CA ALA A 162 3.63 2.91 18.17
C ALA A 162 4.19 4.32 18.24
N LEU A 163 4.12 5.07 17.14
CA LEU A 163 4.67 6.43 17.13
C LEU A 163 3.84 7.37 17.99
N GLU A 164 2.51 7.35 17.82
CA GLU A 164 1.66 8.26 18.59
C GLU A 164 1.68 7.90 20.07
N ARG A 165 1.65 6.60 20.40
CA ARG A 165 1.68 6.21 21.81
C ARG A 165 3.01 6.54 22.46
N ALA A 166 4.11 6.45 21.71
CA ALA A 166 5.39 6.89 22.22
C ALA A 166 5.47 8.41 22.37
N SER A 167 4.58 9.13 21.69
CA SER A 167 4.52 10.59 21.75
C SER A 167 5.84 11.25 21.39
N ARG A 175 -9.89 6.71 23.67
CA ARG A 175 -9.38 5.86 22.61
C ARG A 175 -9.39 6.59 21.27
N LYS A 176 -8.34 6.40 20.48
CA LYS A 176 -8.23 7.01 19.16
C LYS A 176 -8.48 5.98 18.08
N SER A 177 -9.08 6.42 16.98
CA SER A 177 -9.10 5.63 15.76
C SER A 177 -7.78 5.79 15.03
N TYR A 178 -7.28 4.70 14.46
CA TYR A 178 -6.04 4.72 13.70
C TYR A 178 -6.28 4.44 12.22
N SER A 179 -7.48 4.76 11.74
CA SER A 179 -7.73 4.76 10.30
C SER A 179 -6.89 5.87 9.65
N LEU A 180 -6.80 5.79 8.32
CA LEU A 180 -5.99 6.76 7.57
C LEU A 180 -6.51 8.18 7.78
N GLY A 181 -7.82 8.37 7.65
CA GLY A 181 -8.39 9.70 7.81
C GLY A 181 -8.33 10.21 9.24
N SER A 182 -8.47 9.32 10.22
CA SER A 182 -8.44 9.74 11.63
C SER A 182 -7.07 10.27 11.99
N ILE A 183 -6.00 9.55 11.61
CA ILE A 183 -4.64 10.00 11.92
C ILE A 183 -4.33 11.29 11.17
N TYR A 184 -4.64 11.32 9.88
CA TYR A 184 -4.37 12.51 9.06
C TYR A 184 -5.06 13.73 9.65
N THR A 185 -6.35 13.61 9.95
CA THR A 185 -7.09 14.74 10.52
C THR A 185 -6.55 15.11 11.90
N ARG A 186 -6.20 14.12 12.72
CA ARG A 186 -5.67 14.40 14.04
C ARG A 186 -4.35 15.15 13.98
N LEU A 187 -3.50 14.86 12.99
CA LEU A 187 -2.21 15.52 12.88
C LEU A 187 -2.26 16.86 12.16
N TYR A 188 -3.06 16.98 11.11
CA TYR A 188 -3.00 18.14 10.22
C TYR A 188 -4.26 18.99 10.21
N GLY A 189 -5.32 18.55 10.89
CA GLY A 189 -6.50 19.37 11.04
C GLY A 189 -7.42 19.42 9.85
N GLN A 190 -7.29 18.47 8.92
CA GLN A 190 -8.20 18.39 7.77
C GLN A 190 -8.15 16.98 7.22
N SER A 191 -9.17 16.65 6.42
CA SER A 191 -9.23 15.33 5.81
C SER A 191 -8.34 15.28 4.57
N PRO A 192 -7.84 14.10 4.20
CA PRO A 192 -6.99 14.00 3.01
C PRO A 192 -7.79 14.31 1.76
N PRO A 193 -7.14 14.83 0.71
CA PRO A 193 -7.87 15.23 -0.50
C PRO A 193 -8.65 14.10 -1.17
N ASP A 194 -7.95 13.20 -1.86
CA ASP A 194 -8.59 12.20 -2.70
C ASP A 194 -8.71 10.89 -1.92
N SER A 195 -9.77 10.80 -1.11
CA SER A 195 -9.99 9.63 -0.29
C SER A 195 -10.51 8.47 -1.12
N HIS A 196 -10.01 7.26 -0.81
CA HIS A 196 -10.51 6.00 -1.37
C HIS A 196 -10.27 5.89 -2.87
N THR A 197 -9.26 6.60 -3.37
CA THR A 197 -8.61 6.27 -4.63
C THR A 197 -7.18 5.87 -4.30
N ALA A 198 -6.67 4.88 -5.03
CA ALA A 198 -5.38 4.26 -4.67
C ALA A 198 -4.29 5.31 -4.50
N GLU A 199 -4.17 6.22 -5.47
CA GLU A 199 -3.11 7.23 -5.39
C GLU A 199 -3.37 8.22 -4.26
N GLY A 200 -4.62 8.65 -4.09
CA GLY A 200 -4.93 9.58 -3.02
C GLY A 200 -4.65 9.01 -1.64
N ASP A 201 -4.96 7.73 -1.43
CA ASP A 201 -4.68 7.11 -0.14
C ASP A 201 -3.18 6.93 0.09
N VAL A 202 -2.42 6.66 -0.97
CA VAL A 202 -0.97 6.53 -0.82
C VAL A 202 -0.35 7.88 -0.47
N LEU A 203 -0.81 8.96 -1.12
CA LEU A 203 -0.26 10.28 -0.85
C LEU A 203 -0.61 10.75 0.56
N ALA A 204 -1.81 10.40 1.03
CA ALA A 204 -2.17 10.74 2.40
C ALA A 204 -1.34 9.93 3.41
N LEU A 205 -1.05 8.67 3.08
CA LEU A 205 -0.21 7.86 3.96
C LEU A 205 1.22 8.39 4.00
N LEU A 206 1.73 8.86 2.86
CA LEU A 206 3.06 9.49 2.84
C LEU A 206 3.09 10.71 3.74
N SER A 207 2.07 11.56 3.66
CA SER A 207 2.05 12.77 4.48
C SER A 207 2.06 12.44 5.96
N ILE A 208 1.37 11.38 6.36
CA ILE A 208 1.35 10.98 7.76
C ILE A 208 2.71 10.40 8.16
N CYS A 209 3.31 9.61 7.29
CA CYS A 209 4.61 9.03 7.60
C CYS A 209 5.73 10.09 7.65
N GLN A 210 5.50 11.26 7.04
CA GLN A 210 6.43 12.36 7.14
C GLN A 210 6.27 13.18 8.42
N TRP A 211 5.31 12.81 9.28
CA TRP A 211 5.11 13.54 10.53
C TRP A 211 6.33 13.45 11.43
N ARG A 212 6.73 12.22 11.77
CA ARG A 212 7.98 11.96 12.50
C ARG A 212 8.79 10.99 11.66
N PRO A 213 9.53 11.50 10.66
CA PRO A 213 10.19 10.59 9.71
C PRO A 213 11.27 9.71 10.33
N GLN A 214 12.10 10.27 11.22
CA GLN A 214 13.19 9.49 11.79
C GLN A 214 12.65 8.40 12.70
N ALA A 215 11.62 8.71 13.50
CA ALA A 215 11.02 7.70 14.36
C ALA A 215 10.35 6.61 13.53
N LEU A 216 9.74 6.97 12.40
CA LEU A 216 9.15 5.95 11.53
C LEU A 216 10.21 5.02 10.98
N LEU A 217 11.34 5.58 10.52
CA LEU A 217 12.39 4.75 9.94
C LEU A 217 12.96 3.77 10.96
N ARG A 218 13.13 4.21 12.21
CA ARG A 218 13.60 3.30 13.25
C ARG A 218 12.61 2.16 13.45
N TRP A 219 11.32 2.47 13.48
CA TRP A 219 10.31 1.42 13.67
C TRP A 219 10.24 0.49 12.47
N VAL A 220 10.33 1.04 11.26
CA VAL A 220 10.27 0.22 10.05
C VAL A 220 11.44 -0.76 9.99
N ASP A 221 12.64 -0.28 10.33
CA ASP A 221 13.83 -1.14 10.28
C ASP A 221 13.71 -2.30 11.26
N ALA A 222 13.15 -2.05 12.44
CA ALA A 222 13.04 -3.09 13.46
C ALA A 222 11.89 -4.05 13.21
N HIS A 223 10.89 -3.66 12.41
CA HIS A 223 9.71 -4.49 12.20
C HIS A 223 9.53 -4.94 10.75
N ALA A 224 10.53 -4.71 9.90
CA ALA A 224 10.45 -5.15 8.51
C ALA A 224 10.26 -6.66 8.45
N ARG A 225 9.20 -7.08 7.75
CA ARG A 225 8.81 -8.47 7.68
C ARG A 225 8.92 -8.98 6.25
N PRO A 226 9.56 -10.12 6.02
CA PRO A 226 9.69 -10.64 4.66
C PRO A 226 8.33 -10.88 4.04
N PHE A 227 8.14 -10.38 2.81
CA PHE A 227 6.85 -10.49 2.15
C PHE A 227 6.45 -11.94 1.92
N GLY A 228 7.43 -12.84 1.84
CA GLY A 228 7.14 -14.25 1.66
C GLY A 228 6.43 -14.89 2.84
N THR A 229 6.54 -14.30 4.03
CA THR A 229 5.82 -14.78 5.20
C THR A 229 4.37 -14.32 5.24
N ILE A 230 3.96 -13.47 4.31
CA ILE A 230 2.56 -13.04 4.22
C ILE A 230 1.75 -14.15 3.56
N ARG A 231 0.80 -14.71 4.31
CA ARG A 231 -0.06 -15.73 3.74
C ARG A 231 -1.07 -15.08 2.80
N PRO A 232 -1.36 -15.69 1.65
CA PRO A 232 -2.33 -15.10 0.73
C PRO A 232 -3.73 -15.13 1.32
N MET A 233 -4.51 -14.09 0.98
CA MET A 233 -5.90 -14.03 1.44
C MET A 233 -6.69 -15.24 0.96
N TYR A 234 -6.38 -15.73 -0.24
CA TYR A 234 -6.96 -16.97 -0.76
C TYR A 234 -5.98 -17.55 -1.77
N GLY A 235 -6.28 -18.75 -2.24
CA GLY A 235 -5.41 -19.42 -3.18
C GLY A 235 -4.41 -20.32 -2.51
N VAL A 236 -3.51 -20.87 -3.33
CA VAL A 236 -2.51 -21.81 -2.83
C VAL A 236 -1.52 -21.08 -1.94
N THR A 237 -1.04 -21.78 -0.92
CA THR A 237 -0.07 -21.21 0.01
C THR A 237 1.29 -21.89 -0.11
S SO4 B . -4.84 4.61 22.05
O1 SO4 B . -5.74 5.68 21.63
O2 SO4 B . -3.51 4.83 21.51
O3 SO4 B . -4.78 4.57 23.50
O4 SO4 B . -5.35 3.33 21.55
S SO4 C . -20.42 -3.82 -11.62
O1 SO4 C . -20.05 -3.24 -12.91
O2 SO4 C . -19.27 -3.81 -10.72
O3 SO4 C . -21.50 -3.03 -11.03
O4 SO4 C . -20.87 -5.19 -11.82
S SO4 D . -1.32 -14.72 -18.13
O1 SO4 D . -0.42 -13.88 -18.92
O2 SO4 D . -0.63 -15.97 -17.80
O3 SO4 D . -1.68 -14.04 -16.90
O4 SO4 D . -2.51 -15.01 -18.91
S SO4 E . -3.48 -2.38 19.45
O1 SO4 E . -4.05 -1.05 19.61
O2 SO4 E . -2.05 -2.34 19.74
O3 SO4 E . -4.14 -3.30 20.38
O4 SO4 E . -3.69 -2.84 18.08
#